data_1AQG
#
_entry.id   1AQG
#
_cell.length_a   1.000
_cell.length_b   1.000
_cell.length_c   1.000
_cell.angle_alpha   90.00
_cell.angle_beta   90.00
_cell.angle_gamma   90.00
#
_symmetry.space_group_name_H-M   'P 1'
#
_entity_poly.entity_id   1
_entity_poly.type   'polypeptide(L)'
_entity_poly.pdbx_seq_one_letter_code
;IKENLKDCGLF
;
_entity_poly.pdbx_strand_id   A
#
# COMPACT_ATOMS: atom_id res chain seq x y z
N ILE A 1 -0.53 1.57 7.44
CA ILE A 1 0.61 0.68 7.82
C ILE A 1 1.18 -0.01 6.56
N LYS A 2 0.42 -0.96 5.96
CA LYS A 2 0.74 -1.81 4.79
C LYS A 2 -0.23 -1.49 3.62
N GLU A 3 -1.56 -1.37 3.90
CA GLU A 3 -2.73 -0.99 3.11
C GLU A 3 -2.63 0.37 2.36
N ASN A 4 -2.22 1.48 3.06
CA ASN A 4 -1.96 2.85 2.53
C ASN A 4 -0.88 3.02 1.41
N LEU A 5 -0.12 1.94 1.08
CA LEU A 5 0.87 1.77 0.02
C LEU A 5 0.56 0.55 -0.88
N LYS A 6 0.06 -0.62 -0.35
CA LYS A 6 -0.44 -1.82 -1.06
C LYS A 6 -1.71 -1.60 -1.92
N ASP A 7 -2.69 -0.77 -1.44
CA ASP A 7 -3.93 -0.32 -2.09
C ASP A 7 -3.80 1.13 -2.66
N CYS A 8 -2.56 1.49 -3.09
CA CYS A 8 -2.09 2.71 -3.77
C CYS A 8 -1.13 2.31 -4.92
N GLY A 9 0.05 1.65 -4.62
CA GLY A 9 0.98 1.09 -5.61
C GLY A 9 2.43 1.01 -5.20
N LEU A 10 2.78 0.14 -4.19
CA LEU A 10 4.16 -0.11 -3.71
C LEU A 10 4.45 -1.62 -3.51
N PHE A 11 4.06 -2.23 -2.34
CA PHE A 11 4.34 -3.60 -1.93
C PHE A 11 3.13 -4.27 -1.22
N ILE A 1 -0.45 1.07 7.22
CA ILE A 1 0.63 0.08 7.52
C ILE A 1 0.97 -0.74 6.25
N LYS A 2 -0.02 -1.46 5.66
CA LYS A 2 0.04 -2.14 4.36
C LYS A 2 -0.89 -1.42 3.36
N GLU A 3 -2.20 -1.29 3.67
CA GLU A 3 -3.34 -0.66 2.98
C GLU A 3 -3.06 0.69 2.26
N ASN A 4 -2.47 1.70 2.97
CA ASN A 4 -2.02 3.04 2.51
C ASN A 4 -1.00 3.10 1.33
N LEU A 5 -0.23 1.99 1.08
CA LEU A 5 0.77 1.79 0.02
C LEU A 5 0.51 0.56 -0.88
N LYS A 6 0.02 -0.60 -0.33
CA LYS A 6 -0.42 -1.84 -0.99
C LYS A 6 -1.69 -1.71 -1.86
N ASP A 7 -2.68 -0.85 -1.47
CA ASP A 7 -3.88 -0.48 -2.23
C ASP A 7 -3.74 0.87 -3.01
N CYS A 8 -2.50 1.46 -3.03
CA CYS A 8 -2.02 2.62 -3.81
C CYS A 8 -1.15 2.13 -5.00
N GLY A 9 0.00 1.42 -4.73
CA GLY A 9 0.89 0.80 -5.72
C GLY A 9 2.37 0.72 -5.36
N LEU A 10 2.73 0.20 -4.16
CA LEU A 10 4.11 0.00 -3.67
C LEU A 10 4.44 -1.49 -3.39
N PHE A 11 4.06 -2.07 -2.22
CA PHE A 11 4.32 -3.46 -1.78
C PHE A 11 3.14 -4.03 -0.96
N ILE A 1 -0.61 1.47 7.48
CA ILE A 1 0.55 0.60 7.82
C ILE A 1 1.10 -0.10 6.56
N LYS A 2 0.30 -1.01 5.94
CA LYS A 2 0.60 -1.87 4.78
C LYS A 2 -0.36 -1.53 3.61
N GLU A 3 -1.69 -1.44 3.90
CA GLU A 3 -2.86 -1.04 3.10
C GLU A 3 -2.76 0.32 2.38
N ASN A 4 -2.35 1.44 3.08
CA ASN A 4 -2.07 2.81 2.58
C ASN A 4 -1.00 2.99 1.46
N LEU A 5 -0.24 1.92 1.12
CA LEU A 5 0.78 1.77 0.07
C LEU A 5 0.51 0.55 -0.85
N LYS A 6 0.02 -0.62 -0.31
CA LYS A 6 -0.47 -1.83 -1.04
C LYS A 6 -1.72 -1.59 -1.93
N ASP A 7 -2.68 -0.74 -1.47
CA ASP A 7 -3.89 -0.29 -2.18
C ASP A 7 -3.75 1.16 -2.73
N CYS A 8 -2.50 1.52 -3.16
CA CYS A 8 -2.00 2.73 -3.81
C CYS A 8 -1.02 2.33 -4.94
N GLY A 9 0.16 1.68 -4.61
CA GLY A 9 1.14 1.16 -5.57
C GLY A 9 2.58 1.11 -5.10
N LEU A 10 2.91 0.22 -4.11
CA LEU A 10 4.25 -0.01 -3.57
C LEU A 10 4.53 -1.51 -3.33
N PHE A 11 4.10 -2.12 -2.18
CA PHE A 11 4.34 -3.50 -1.77
C PHE A 11 3.11 -4.17 -1.09
N ILE A 1 -0.55 1.54 7.43
CA ILE A 1 0.59 0.66 7.79
C ILE A 1 1.16 -0.04 6.54
N LYS A 2 0.38 -0.97 5.93
CA LYS A 2 0.68 -1.83 4.77
C LYS A 2 -0.27 -1.49 3.59
N GLU A 3 -1.60 -1.36 3.88
CA GLU A 3 -2.77 -0.99 3.06
C GLU A 3 -2.65 0.36 2.32
N ASN A 4 -2.27 1.49 3.02
CA ASN A 4 -1.97 2.86 2.51
C ASN A 4 -0.91 3.02 1.39
N LEU A 5 -0.14 1.95 1.08
CA LEU A 5 0.86 1.78 0.02
C LEU A 5 0.55 0.55 -0.89
N LYS A 6 0.09 -0.64 -0.35
CA LYS A 6 -0.39 -1.85 -1.07
C LYS A 6 -1.63 -1.66 -1.97
N ASP A 7 -2.62 -0.83 -1.53
CA ASP A 7 -3.87 -0.44 -2.21
C ASP A 7 -3.76 0.90 -3.00
N CYS A 8 -2.55 1.57 -2.98
CA CYS A 8 -2.10 2.74 -3.73
C CYS A 8 -1.17 2.33 -4.90
N GLY A 9 -0.04 1.60 -4.62
CA GLY A 9 0.89 1.04 -5.62
C GLY A 9 2.36 0.97 -5.23
N LEU A 10 2.72 0.14 -4.20
CA LEU A 10 4.11 -0.10 -3.73
C LEU A 10 4.40 -1.61 -3.49
N PHE A 11 4.04 -2.19 -2.30
CA PHE A 11 4.31 -3.57 -1.86
C PHE A 11 3.10 -4.21 -1.14
N ILE A 1 -0.77 1.17 7.30
CA ILE A 1 0.47 0.38 7.63
C ILE A 1 0.95 -0.53 6.47
N LYS A 2 0.02 -1.30 5.84
CA LYS A 2 0.20 -2.17 4.66
C LYS A 2 -0.61 -1.58 3.50
N GLU A 3 -1.96 -1.46 3.67
CA GLU A 3 -3.05 -0.93 2.83
C GLU A 3 -2.79 0.42 2.11
N ASN A 4 -2.40 1.51 2.85
CA ASN A 4 -2.02 2.85 2.36
C ASN A 4 -0.90 2.99 1.27
N LEU A 5 -0.05 1.93 1.11
CA LEU A 5 1.04 1.76 0.14
C LEU A 5 0.88 0.51 -0.77
N LYS A 6 0.29 -0.63 -0.27
CA LYS A 6 -0.14 -1.86 -0.99
C LYS A 6 -1.22 -1.59 -2.05
N ASP A 7 -2.34 -0.91 -1.66
CA ASP A 7 -3.47 -0.46 -2.50
C ASP A 7 -3.21 0.86 -3.32
N CYS A 8 -1.97 1.43 -3.21
CA CYS A 8 -1.34 2.50 -4.00
C CYS A 8 -0.42 1.88 -5.09
N GLY A 9 0.53 0.97 -4.70
CA GLY A 9 1.41 0.16 -5.58
C GLY A 9 2.87 0.05 -5.21
N LEU A 10 3.22 -0.06 -3.90
CA LEU A 10 4.60 -0.17 -3.36
C LEU A 10 5.01 -1.61 -2.97
N PHE A 11 4.34 -2.28 -1.96
CA PHE A 11 4.67 -3.63 -1.48
C PHE A 11 3.42 -4.43 -1.01
N ILE A 1 -0.73 1.34 7.44
CA ILE A 1 0.43 0.45 7.75
C ILE A 1 0.87 -0.32 6.49
N LYS A 2 -0.03 -1.13 5.87
CA LYS A 2 0.15 -1.97 4.67
C LYS A 2 -0.71 -1.40 3.52
N GLU A 3 -2.05 -1.20 3.76
CA GLU A 3 -3.15 -0.67 2.96
C GLU A 3 -2.88 0.69 2.25
N ASN A 4 -2.37 1.73 2.98
CA ASN A 4 -1.94 3.08 2.53
C ASN A 4 -0.81 3.16 1.44
N LEU A 5 -0.17 2.02 1.10
CA LEU A 5 0.88 1.80 0.08
C LEU A 5 0.56 0.57 -0.82
N LYS A 6 0.12 -0.61 -0.27
CA LYS A 6 -0.32 -1.84 -0.97
C LYS A 6 -1.59 -1.71 -1.85
N ASP A 7 -2.60 -0.89 -1.41
CA ASP A 7 -3.85 -0.55 -2.11
C ASP A 7 -3.80 0.85 -2.82
N CYS A 8 -2.58 1.45 -2.92
CA CYS A 8 -2.18 2.67 -3.64
C CYS A 8 -1.23 2.31 -4.81
N GLY A 9 -0.02 1.70 -4.54
CA GLY A 9 0.93 1.22 -5.56
C GLY A 9 2.39 1.13 -5.13
N LEU A 10 2.73 0.21 -4.18
CA LEU A 10 4.12 -0.08 -3.73
C LEU A 10 4.38 -1.59 -3.49
N PHE A 11 4.11 -2.15 -2.27
CA PHE A 11 4.39 -3.53 -1.87
C PHE A 11 3.22 -4.18 -1.10
N ILE A 1 -0.91 1.16 7.34
CA ILE A 1 0.25 0.24 7.62
C ILE A 1 0.67 -0.53 6.36
N LYS A 2 -0.29 -1.23 5.67
CA LYS A 2 -0.14 -1.96 4.40
C LYS A 2 -1.02 -1.29 3.33
N GLU A 3 -2.36 -1.14 3.56
CA GLU A 3 -3.45 -0.52 2.80
C GLU A 3 -3.13 0.86 2.14
N ASN A 4 -2.53 1.82 2.91
CA ASN A 4 -1.98 3.13 2.47
C ASN A 4 -0.83 3.14 1.41
N LEU A 5 -0.21 1.96 1.09
CA LEU A 5 0.84 1.74 0.09
C LEU A 5 0.55 0.53 -0.85
N LYS A 6 0.10 -0.65 -0.33
CA LYS A 6 -0.30 -1.90 -1.02
C LYS A 6 -1.55 -1.76 -1.93
N ASP A 7 -2.57 -0.97 -1.50
CA ASP A 7 -3.82 -0.63 -2.22
C ASP A 7 -3.77 0.79 -2.88
N CYS A 8 -2.57 1.44 -2.92
CA CYS A 8 -2.21 2.70 -3.59
C CYS A 8 -1.23 2.43 -4.75
N GLY A 9 -0.02 1.80 -4.51
CA GLY A 9 0.91 1.38 -5.57
C GLY A 9 2.38 1.22 -5.18
N LEU A 10 2.70 0.36 -4.18
CA LEU A 10 4.06 0.00 -3.74
C LEU A 10 4.22 -1.52 -3.47
N PHE A 11 4.03 -2.02 -2.20
CA PHE A 11 4.21 -3.41 -1.77
C PHE A 11 3.06 -3.89 -0.84
N ILE A 1 -0.36 1.37 7.28
CA ILE A 1 0.72 0.41 7.66
C ILE A 1 1.17 -0.41 6.44
N LYS A 2 0.27 -1.24 5.85
CA LYS A 2 0.42 -2.08 4.65
C LYS A 2 -0.50 -1.55 3.53
N GLU A 3 -1.83 -1.45 3.84
CA GLU A 3 -2.99 -0.95 3.08
C GLU A 3 -2.82 0.40 2.32
N ASN A 4 -2.37 1.50 3.01
CA ASN A 4 -2.05 2.85 2.50
C ASN A 4 -1.03 2.98 1.32
N LEU A 5 -0.17 1.94 1.11
CA LEU A 5 0.85 1.77 0.07
C LEU A 5 0.62 0.55 -0.84
N LYS A 6 0.08 -0.61 -0.32
CA LYS A 6 -0.37 -1.84 -1.03
C LYS A 6 -1.58 -1.61 -1.96
N ASP A 7 -2.67 -0.93 -1.47
CA ASP A 7 -3.88 -0.49 -2.20
C ASP A 7 -3.71 0.88 -2.95
N CYS A 8 -2.44 1.40 -3.03
CA CYS A 8 -1.92 2.54 -3.80
C CYS A 8 -1.06 2.03 -4.97
N GLY A 9 0.06 1.30 -4.68
CA GLY A 9 0.95 0.63 -5.66
C GLY A 9 2.42 0.64 -5.34
N LEU A 10 2.83 0.12 -4.14
CA LEU A 10 4.22 0.00 -3.66
C LEU A 10 4.65 -1.47 -3.41
N PHE A 11 4.18 -2.13 -2.30
CA PHE A 11 4.52 -3.50 -1.91
C PHE A 11 3.33 -4.27 -1.28
N ILE A 1 -0.60 1.24 7.30
CA ILE A 1 0.54 0.30 7.56
C ILE A 1 0.90 -0.48 6.28
N LYS A 2 -0.07 -1.21 5.67
CA LYS A 2 0.02 -1.95 4.39
C LYS A 2 -0.88 -1.27 3.35
N GLU A 3 -2.21 -1.15 3.63
CA GLU A 3 -3.32 -0.50 2.89
C GLU A 3 -3.02 0.86 2.19
N ASN A 4 -2.41 1.84 2.92
CA ASN A 4 -1.89 3.16 2.47
C ASN A 4 -0.78 3.17 1.36
N LEU A 5 -0.17 2.00 1.03
CA LEU A 5 0.84 1.76 -0.01
C LEU A 5 0.53 0.54 -0.91
N LYS A 6 0.08 -0.63 -0.36
CA LYS A 6 -0.37 -1.89 -1.00
C LYS A 6 -1.64 -1.76 -1.90
N ASP A 7 -2.62 -0.91 -1.49
CA ASP A 7 -3.87 -0.56 -2.18
C ASP A 7 -3.80 0.84 -2.88
N CYS A 8 -2.57 1.44 -3.00
CA CYS A 8 -2.19 2.69 -3.68
C CYS A 8 -1.21 2.39 -4.85
N GLY A 9 -0.02 1.74 -4.60
CA GLY A 9 0.93 1.28 -5.62
C GLY A 9 2.39 1.18 -5.19
N LEU A 10 2.71 0.29 -4.20
CA LEU A 10 4.07 -0.01 -3.72
C LEU A 10 4.27 -1.53 -3.48
N PHE A 11 3.97 -2.08 -2.26
CA PHE A 11 4.14 -3.47 -1.86
C PHE A 11 2.99 -3.95 -0.92
N ILE A 1 -0.53 1.45 7.35
CA ILE A 1 0.60 0.53 7.69
C ILE A 1 1.04 -0.27 6.44
N LYS A 2 0.14 -1.07 5.83
CA LYS A 2 0.30 -1.92 4.63
C LYS A 2 -0.62 -1.39 3.51
N GLU A 3 -1.95 -1.22 3.81
CA GLU A 3 -3.09 -0.71 3.02
C GLU A 3 -2.85 0.65 2.29
N ASN A 4 -2.34 1.71 2.99
CA ASN A 4 -1.93 3.05 2.48
C ASN A 4 -0.83 3.12 1.36
N LEU A 5 -0.17 1.97 1.03
CA LEU A 5 0.85 1.76 0.01
C LEU A 5 0.55 0.51 -0.86
N LYS A 6 0.09 -0.65 -0.31
CA LYS A 6 -0.38 -1.90 -0.99
C LYS A 6 -1.67 -1.74 -1.84
N ASP A 7 -2.64 -0.89 -1.39
CA ASP A 7 -3.89 -0.51 -2.07
C ASP A 7 -3.81 0.88 -2.76
N CYS A 8 -2.57 1.40 -3.00
CA CYS A 8 -2.16 2.62 -3.71
C CYS A 8 -1.20 2.26 -4.86
N GLY A 9 0.01 1.67 -4.58
CA GLY A 9 0.99 1.20 -5.58
C GLY A 9 2.44 1.16 -5.13
N LEU A 10 2.81 0.24 -4.18
CA LEU A 10 4.19 -0.01 -3.70
C LEU A 10 4.49 -1.52 -3.53
N PHE A 11 4.14 -2.15 -2.36
CA PHE A 11 4.42 -3.54 -2.01
C PHE A 11 3.21 -4.21 -1.28
N ILE A 1 -0.67 1.25 7.36
CA ILE A 1 0.42 0.26 7.64
C ILE A 1 0.83 -0.49 6.35
N LYS A 2 -0.13 -1.19 5.69
CA LYS A 2 0.01 -1.92 4.43
C LYS A 2 -0.89 -1.25 3.36
N GLU A 3 -2.23 -1.11 3.64
CA GLU A 3 -3.34 -0.48 2.90
C GLU A 3 -3.02 0.89 2.20
N ASN A 4 -2.40 1.86 2.95
CA ASN A 4 -1.87 3.17 2.50
C ASN A 4 -0.74 3.18 1.43
N LEU A 5 -0.16 1.99 1.07
CA LEU A 5 0.86 1.75 0.05
C LEU A 5 0.57 0.54 -0.86
N LYS A 6 0.10 -0.64 -0.32
CA LYS A 6 -0.33 -1.89 -0.97
C LYS A 6 -1.58 -1.77 -1.88
N ASP A 7 -2.59 -0.94 -1.48
CA ASP A 7 -3.84 -0.61 -2.19
C ASP A 7 -3.78 0.77 -2.93
N CYS A 8 -2.60 1.46 -2.90
CA CYS A 8 -2.22 2.71 -3.57
C CYS A 8 -1.25 2.44 -4.75
N GLY A 9 -0.06 1.77 -4.51
CA GLY A 9 0.89 1.34 -5.56
C GLY A 9 2.36 1.20 -5.17
N LEU A 10 2.70 0.32 -4.19
CA LEU A 10 4.08 -0.03 -3.77
C LEU A 10 4.23 -1.55 -3.49
N PHE A 11 4.02 -2.04 -2.22
CA PHE A 11 4.17 -3.44 -1.79
C PHE A 11 3.02 -3.88 -0.85
N ILE A 1 -0.53 1.37 7.41
CA ILE A 1 0.56 0.42 7.77
C ILE A 1 1.01 -0.39 6.52
N LYS A 2 0.10 -1.20 5.93
CA LYS A 2 0.26 -2.05 4.74
C LYS A 2 -0.67 -1.53 3.64
N GLU A 3 -2.01 -1.43 3.91
CA GLU A 3 -3.16 -0.92 3.15
C GLU A 3 -2.95 0.42 2.41
N ASN A 4 -2.46 1.51 3.08
CA ASN A 4 -2.10 2.86 2.57
C ASN A 4 -1.07 2.94 1.40
N LEU A 5 -0.25 1.87 1.19
CA LEU A 5 0.76 1.69 0.14
C LEU A 5 0.51 0.44 -0.76
N LYS A 6 -0.01 -0.72 -0.23
CA LYS A 6 -0.46 -1.95 -0.93
C LYS A 6 -1.67 -1.72 -1.88
N ASP A 7 -2.70 -0.93 -1.42
CA ASP A 7 -3.90 -0.49 -2.15
C ASP A 7 -3.73 0.87 -2.92
N CYS A 8 -2.49 1.48 -2.89
CA CYS A 8 -2.01 2.63 -3.64
C CYS A 8 -1.12 2.19 -4.84
N GLY A 9 0.00 1.44 -4.57
CA GLY A 9 0.92 0.86 -5.57
C GLY A 9 2.40 0.86 -5.20
N LEU A 10 2.78 0.28 -4.02
CA LEU A 10 4.17 0.13 -3.54
C LEU A 10 4.56 -1.36 -3.29
N PHE A 11 4.11 -1.98 -2.16
CA PHE A 11 4.43 -3.35 -1.76
C PHE A 11 3.22 -4.07 -1.11
N ILE A 1 -0.54 1.57 7.46
CA ILE A 1 0.57 0.65 7.85
C ILE A 1 1.13 -0.05 6.60
N LYS A 2 0.37 -0.99 5.99
CA LYS A 2 0.67 -1.85 4.82
C LYS A 2 -0.29 -1.51 3.64
N GLU A 3 -1.62 -1.36 3.93
CA GLU A 3 -2.80 -0.97 3.12
C GLU A 3 -2.67 0.39 2.38
N ASN A 4 -2.26 1.52 3.07
CA ASN A 4 -1.97 2.87 2.56
C ASN A 4 -0.87 3.03 1.45
N LEU A 5 -0.16 1.92 1.09
CA LEU A 5 0.86 1.75 0.06
C LEU A 5 0.55 0.53 -0.85
N LYS A 6 0.06 -0.64 -0.33
CA LYS A 6 -0.44 -1.84 -1.04
C LYS A 6 -1.72 -1.62 -1.91
N ASP A 7 -2.68 -0.78 -1.42
CA ASP A 7 -3.92 -0.32 -2.08
C ASP A 7 -3.78 1.12 -2.65
N CYS A 8 -2.53 1.48 -3.08
CA CYS A 8 -2.05 2.71 -3.73
C CYS A 8 -1.10 2.32 -4.88
N GLY A 9 0.09 1.69 -4.59
CA GLY A 9 1.04 1.16 -5.60
C GLY A 9 2.49 1.08 -5.17
N LEU A 10 2.84 0.20 -4.17
CA LEU A 10 4.21 -0.08 -3.73
C LEU A 10 4.45 -1.59 -3.46
N PHE A 11 4.11 -2.13 -2.26
CA PHE A 11 4.33 -3.53 -1.85
C PHE A 11 3.09 -4.16 -1.15
N ILE A 1 -0.88 1.30 7.38
CA ILE A 1 0.41 0.57 7.66
C ILE A 1 0.91 -0.30 6.49
N LYS A 2 0.01 -1.14 5.88
CA LYS A 2 0.18 -2.01 4.72
C LYS A 2 -0.72 -1.51 3.58
N GLU A 3 -2.06 -1.43 3.81
CA GLU A 3 -3.21 -0.98 3.01
C GLU A 3 -3.03 0.36 2.25
N ASN A 4 -2.65 1.47 2.95
CA ASN A 4 -2.32 2.83 2.45
C ASN A 4 -1.25 2.96 1.31
N LEU A 5 -0.40 1.93 1.12
CA LEU A 5 0.65 1.77 0.12
C LEU A 5 0.47 0.50 -0.77
N LYS A 6 -0.03 -0.67 -0.24
CA LYS A 6 -0.43 -1.91 -0.93
C LYS A 6 -1.65 -1.74 -1.88
N ASP A 7 -2.68 -0.94 -1.48
CA ASP A 7 -3.88 -0.53 -2.25
C ASP A 7 -3.70 0.83 -3.00
N CYS A 8 -2.43 1.37 -3.04
CA CYS A 8 -1.91 2.52 -3.79
C CYS A 8 -1.01 2.00 -4.95
N GLY A 9 0.11 1.28 -4.64
CA GLY A 9 1.03 0.62 -5.60
C GLY A 9 2.49 0.59 -5.21
N LEU A 10 2.84 0.12 -3.97
CA LEU A 10 4.22 0.02 -3.43
C LEU A 10 4.65 -1.43 -3.10
N PHE A 11 4.19 -2.04 -1.97
CA PHE A 11 4.58 -3.37 -1.48
C PHE A 11 3.37 -4.18 -0.94
N ILE A 1 -0.71 1.41 7.45
CA ILE A 1 0.43 0.51 7.78
C ILE A 1 0.90 -0.26 6.54
N LYS A 2 0.01 -1.07 5.89
CA LYS A 2 0.21 -1.91 4.70
C LYS A 2 -0.67 -1.39 3.55
N GLU A 3 -2.00 -1.20 3.78
CA GLU A 3 -3.10 -0.66 2.98
C GLU A 3 -2.83 0.69 2.26
N ASN A 4 -2.32 1.74 2.99
CA ASN A 4 -1.86 3.08 2.52
C ASN A 4 -0.72 3.15 1.44
N LEU A 5 -0.10 1.98 1.10
CA LEU A 5 0.91 1.75 0.09
C LEU A 5 0.61 0.53 -0.82
N LYS A 6 0.14 -0.66 -0.27
CA LYS A 6 -0.31 -1.88 -0.96
C LYS A 6 -1.60 -1.74 -1.83
N ASP A 7 -2.59 -0.92 -1.37
CA ASP A 7 -3.85 -0.56 -2.05
C ASP A 7 -3.79 0.85 -2.74
N CYS A 8 -2.55 1.43 -2.88
CA CYS A 8 -2.16 2.65 -3.57
C CYS A 8 -1.22 2.32 -4.77
N GLY A 9 -0.02 1.71 -4.52
CA GLY A 9 0.92 1.24 -5.56
C GLY A 9 2.38 1.15 -5.16
N LEU A 10 2.74 0.23 -4.21
CA LEU A 10 4.12 -0.06 -3.76
C LEU A 10 4.37 -1.57 -3.55
N PHE A 11 4.11 -2.14 -2.33
CA PHE A 11 4.39 -3.53 -1.94
C PHE A 11 3.20 -4.15 -1.17
N ILE A 1 -0.55 1.45 7.42
CA ILE A 1 0.52 0.48 7.78
C ILE A 1 0.99 -0.30 6.54
N LYS A 2 0.08 -1.10 5.93
CA LYS A 2 0.25 -1.97 4.75
C LYS A 2 -0.62 -1.46 3.59
N GLU A 3 -1.95 -1.24 3.84
CA GLU A 3 -3.05 -0.69 3.02
C GLU A 3 -2.75 0.64 2.28
N ASN A 4 -2.22 1.69 3.00
CA ASN A 4 -1.76 3.02 2.50
C ASN A 4 -0.62 3.05 1.42
N LEU A 5 -0.01 1.88 1.10
CA LEU A 5 1.03 1.61 0.09
C LEU A 5 0.72 0.38 -0.80
N LYS A 6 0.17 -0.76 -0.24
CA LYS A 6 -0.32 -1.98 -0.94
C LYS A 6 -1.57 -1.76 -1.83
N ASP A 7 -2.51 -0.89 -1.39
CA ASP A 7 -3.74 -0.45 -2.08
C ASP A 7 -3.59 0.96 -2.75
N CYS A 8 -2.31 1.43 -2.94
CA CYS A 8 -1.85 2.64 -3.63
C CYS A 8 -0.89 2.24 -4.79
N GLY A 9 0.28 1.57 -4.51
CA GLY A 9 1.21 1.04 -5.53
C GLY A 9 2.67 0.88 -5.16
N LEU A 10 3.00 0.11 -4.08
CA LEU A 10 4.37 -0.24 -3.64
C LEU A 10 4.54 -1.76 -3.40
N PHE A 11 4.16 -2.31 -2.21
CA PHE A 11 4.36 -3.72 -1.80
C PHE A 11 3.11 -4.31 -1.09
N ILE A 1 -0.67 1.26 7.37
CA ILE A 1 0.45 0.35 7.77
C ILE A 1 0.95 -0.47 6.56
N LYS A 2 0.07 -1.30 5.94
CA LYS A 2 0.27 -2.15 4.76
C LYS A 2 -0.59 -1.63 3.60
N GLU A 3 -1.93 -1.48 3.82
CA GLU A 3 -3.03 -0.98 3.00
C GLU A 3 -2.79 0.36 2.25
N ASN A 4 -2.37 1.46 2.97
CA ASN A 4 -1.99 2.80 2.46
C ASN A 4 -0.91 2.90 1.33
N LEU A 5 -0.07 1.83 1.18
CA LEU A 5 0.98 1.65 0.16
C LEU A 5 0.76 0.43 -0.76
N LYS A 6 0.17 -0.72 -0.27
CA LYS A 6 -0.28 -1.92 -1.00
C LYS A 6 -1.43 -1.66 -2.01
N ASP A 7 -2.51 -0.94 -1.55
CA ASP A 7 -3.67 -0.46 -2.32
C ASP A 7 -3.42 0.88 -3.10
N CYS A 8 -2.18 1.46 -3.01
CA CYS A 8 -1.61 2.59 -3.77
C CYS A 8 -0.71 2.07 -4.92
N GLY A 9 0.36 1.27 -4.61
CA GLY A 9 1.25 0.59 -5.57
C GLY A 9 2.72 0.50 -5.22
N LEU A 10 3.09 0.08 -3.97
CA LEU A 10 4.47 -0.15 -3.50
C LEU A 10 4.78 -1.64 -3.21
N PHE A 11 4.24 -2.27 -2.11
CA PHE A 11 4.50 -3.65 -1.70
C PHE A 11 3.26 -4.33 -1.07
N ILE A 1 -0.67 1.27 7.39
CA ILE A 1 0.48 0.43 7.83
C ILE A 1 1.05 -0.37 6.64
N LYS A 2 0.25 -1.29 6.04
CA LYS A 2 0.55 -2.14 4.88
C LYS A 2 -0.35 -1.74 3.69
N GLU A 3 -1.70 -1.61 3.93
CA GLU A 3 -2.86 -1.22 3.10
C GLU A 3 -2.72 0.12 2.33
N ASN A 4 -2.37 1.26 3.02
CA ASN A 4 -2.10 2.62 2.49
C ASN A 4 -1.05 2.76 1.33
N LEU A 5 -0.11 1.79 1.22
CA LEU A 5 0.92 1.62 0.19
C LEU A 5 0.68 0.41 -0.74
N LYS A 6 0.09 -0.74 -0.25
CA LYS A 6 -0.42 -1.92 -0.98
C LYS A 6 -1.59 -1.63 -1.96
N ASP A 7 -2.53 -0.72 -1.56
CA ASP A 7 -3.67 -0.18 -2.31
C ASP A 7 -3.37 1.19 -3.02
N CYS A 8 -2.07 1.63 -3.01
CA CYS A 8 -1.44 2.73 -3.76
C CYS A 8 -0.59 2.15 -4.92
N GLY A 9 0.44 1.29 -4.61
CA GLY A 9 1.27 0.54 -5.57
C GLY A 9 2.73 0.39 -5.21
N LEU A 10 3.08 -0.03 -3.95
CA LEU A 10 4.45 -0.27 -3.47
C LEU A 10 4.76 -1.75 -3.15
N PHE A 11 4.18 -2.37 -2.08
CA PHE A 11 4.44 -3.76 -1.66
C PHE A 11 3.19 -4.54 -1.20
N ILE A 1 -0.71 1.35 7.36
CA ILE A 1 0.44 0.48 7.72
C ILE A 1 0.95 -0.32 6.50
N LYS A 2 0.09 -1.18 5.89
CA LYS A 2 0.30 -2.03 4.71
C LYS A 2 -0.61 -1.52 3.56
N GLU A 3 -1.94 -1.43 3.80
CA GLU A 3 -3.07 -0.95 3.00
C GLU A 3 -2.88 0.42 2.27
N ASN A 4 -2.47 1.50 3.00
CA ASN A 4 -2.13 2.86 2.50
C ASN A 4 -1.08 3.00 1.36
N LEU A 5 -0.22 1.95 1.15
CA LEU A 5 0.80 1.78 0.12
C LEU A 5 0.54 0.55 -0.80
N LYS A 6 0.06 -0.62 -0.26
CA LYS A 6 -0.38 -1.85 -0.98
C LYS A 6 -1.62 -1.68 -1.88
N ASP A 7 -2.63 -0.86 -1.46
CA ASP A 7 -3.85 -0.46 -2.19
C ASP A 7 -3.73 0.93 -2.90
N CYS A 8 -2.49 1.50 -2.95
CA CYS A 8 -2.00 2.69 -3.68
C CYS A 8 -1.15 2.22 -4.89
N GLY A 9 -0.01 1.50 -4.65
CA GLY A 9 0.87 0.90 -5.67
C GLY A 9 2.34 0.85 -5.33
N LEU A 10 2.73 0.22 -4.17
CA LEU A 10 4.10 0.02 -3.68
C LEU A 10 4.44 -1.48 -3.48
N PHE A 11 4.07 -2.12 -2.33
CA PHE A 11 4.39 -3.50 -1.95
C PHE A 11 3.21 -4.20 -1.25
N ILE A 1 -0.51 1.19 7.26
CA ILE A 1 0.63 0.26 7.55
C ILE A 1 1.02 -0.54 6.29
N LYS A 2 0.06 -1.31 5.70
CA LYS A 2 0.14 -2.04 4.42
C LYS A 2 -0.77 -1.36 3.40
N GLU A 3 -2.11 -1.30 3.68
CA GLU A 3 -3.26 -0.71 2.97
C GLU A 3 -3.04 0.65 2.26
N ASN A 4 -2.48 1.69 2.98
CA ASN A 4 -2.05 3.02 2.51
C ASN A 4 -1.00 3.09 1.34
N LEU A 5 -0.22 2.00 1.11
CA LEU A 5 0.79 1.81 0.06
C LEU A 5 0.50 0.59 -0.85
N LYS A 6 0.04 -0.58 -0.32
CA LYS A 6 -0.40 -1.83 -0.98
C LYS A 6 -1.66 -1.68 -1.89
N ASP A 7 -2.65 -0.82 -1.47
CA ASP A 7 -3.87 -0.44 -2.20
C ASP A 7 -3.75 0.98 -2.87
N CYS A 8 -2.49 1.52 -2.99
CA CYS A 8 -2.04 2.71 -3.70
C CYS A 8 -1.17 2.28 -4.92
N GLY A 9 0.00 1.60 -4.68
CA GLY A 9 0.90 1.05 -5.72
C GLY A 9 2.36 0.87 -5.34
N LEU A 10 2.67 0.26 -4.16
CA LEU A 10 4.02 -0.05 -3.67
C LEU A 10 4.23 -1.57 -3.45
N PHE A 11 3.87 -2.13 -2.26
CA PHE A 11 4.07 -3.52 -1.85
C PHE A 11 2.94 -4.04 -0.93
#